data_7O0Q
#
_entry.id   7O0Q
#
_cell.length_a   64.170
_cell.length_b   64.170
_cell.length_c   225.710
_cell.angle_alpha   90.000
_cell.angle_beta   90.000
_cell.angle_gamma   120.000
#
_symmetry.space_group_name_H-M   'P 32 2 1'
#
loop_
_entity.id
_entity.type
_entity.pdbx_description
1 polymer 'N6-adenosine-methyltransferase catalytic subunit'
2 polymer 'N6-adenosine-methyltransferase non-catalytic subunit'
3 non-polymer 3-[4-[(4,4-dimethylpiperidin-1-yl)methyl]phenyl]-8-[6-(methylamino)pyrimidin-4-yl]-1,3,8-triazaspiro[4.5]decan-2-one
4 non-polymer 'MAGNESIUM ION'
5 non-polymer 'ACETATE ION'
6 water water
#
loop_
_entity_poly.entity_id
_entity_poly.type
_entity_poly.pdbx_seq_one_letter_code
_entity_poly.pdbx_strand_id
1 'polypeptide(L)'
;MGHHHHHHSSGRENLYFQGALTQSVGGDSSADRLFPPQWICCDIRYLDVSILGKFAVVMADPPWDIHMELPYGTLTDDEM
RRLNIPVLQDDGFLFLWVTGRAMELGRECLNLWGYERVDEIIWVKTNQLQRIIRTGRTGHWLNHGKEHCLVGVKGNPQGF
NQGLDCDVIVAEVRSTSHKPDEIYGMIERLSPGTRKIELFGRPHNVQPNWITLGNQLDGIHLLDPDVVARFKQRYPDGII
SKPKNL
;
A
2 'polypeptide(L)'
;MLKGTQSLNPHNDYCQHFVDTGHRPQNFIRDVGLADRFEEYPKLRELIRLKDELIAKSNTPPMYLQADIEAFDIRELTPK
FDVILLEPPLEEYYRETGITANEKCWTWDDIMKLEIDEIAAPRSFIFLWCGSGEGLDLGRVCLRKWGYRRCEDICWIKTN
KNNPGKTKTLDPKAVFQRTKEHCLMGIKGTVKRSTDGDFIHANVDIDLIITEEPEIGNIEKPVEIFHIIEHFCLGRRRLH
LFGRDSTIRPGWLTVGPTLTNSNYNAETYASYFSAPNSYLTGCTEEIERL
;
B
#
# COMPACT_ATOMS: atom_id res chain seq x y z
N LEU A 34 -18.62 -18.94 -23.15
CA LEU A 34 -17.57 -19.86 -23.53
C LEU A 34 -16.45 -19.89 -22.50
N PHE A 35 -16.51 -20.84 -21.56
CA PHE A 35 -15.45 -21.02 -20.56
C PHE A 35 -14.02 -20.97 -21.10
N PRO A 36 -13.69 -21.60 -22.24
CA PRO A 36 -12.26 -21.75 -22.61
C PRO A 36 -11.57 -20.43 -22.89
N PRO A 37 -10.24 -20.40 -22.82
CA PRO A 37 -9.50 -19.13 -22.93
C PRO A 37 -9.68 -18.48 -24.29
N GLN A 38 -9.90 -17.17 -24.29
CA GLN A 38 -9.96 -16.36 -25.50
C GLN A 38 -8.99 -15.20 -25.35
N TRP A 39 -8.49 -14.71 -26.49
CA TRP A 39 -7.61 -13.56 -26.50
C TRP A 39 -7.72 -12.82 -27.83
N ILE A 40 -7.13 -11.62 -27.86
CA ILE A 40 -7.17 -10.70 -28.99
C ILE A 40 -5.82 -9.97 -29.00
N CYS A 41 -4.95 -10.29 -29.95
CA CYS A 41 -3.72 -9.52 -30.09
C CYS A 41 -4.06 -8.18 -30.71
N CYS A 42 -3.60 -7.10 -30.11
CA CYS A 42 -4.00 -5.78 -30.58
C CYS A 42 -3.24 -4.71 -29.81
N ASP A 43 -3.48 -3.46 -30.22
CA ASP A 43 -3.18 -2.29 -29.42
C ASP A 43 -4.45 -1.92 -28.67
N ILE A 44 -4.40 -2.00 -27.34
CA ILE A 44 -5.57 -1.67 -26.54
C ILE A 44 -5.94 -0.20 -26.68
N ARG A 45 -4.99 0.65 -27.10
CA ARG A 45 -5.30 2.06 -27.34
C ARG A 45 -6.38 2.22 -28.41
N TYR A 46 -6.34 1.36 -29.44
CA TYR A 46 -7.16 1.55 -30.63
C TYR A 46 -8.22 0.47 -30.85
N LEU A 47 -8.24 -0.58 -30.04
CA LEU A 47 -9.29 -1.58 -30.23
C LEU A 47 -10.60 -1.05 -29.66
N ASP A 48 -11.71 -1.45 -30.30
CA ASP A 48 -13.05 -1.04 -29.89
C ASP A 48 -13.57 -2.06 -28.87
N VAL A 49 -13.44 -1.73 -27.58
CA VAL A 49 -13.80 -2.72 -26.54
C VAL A 49 -15.30 -2.86 -26.34
N SER A 50 -16.12 -2.02 -26.96
CA SER A 50 -17.56 -2.16 -26.84
C SER A 50 -18.05 -3.47 -27.44
N ILE A 51 -17.31 -4.02 -28.40
CA ILE A 51 -17.70 -5.30 -28.99
C ILE A 51 -17.72 -6.40 -27.93
N LEU A 52 -16.86 -6.27 -26.91
CA LEU A 52 -16.57 -7.37 -25.98
C LEU A 52 -17.65 -7.57 -24.92
N GLY A 53 -18.60 -6.64 -24.77
CA GLY A 53 -19.64 -6.84 -23.76
C GLY A 53 -19.21 -6.43 -22.36
N LYS A 54 -20.00 -6.88 -21.39
CA LYS A 54 -19.84 -6.50 -20.00
C LYS A 54 -19.13 -7.60 -19.23
N PHE A 55 -18.38 -7.22 -18.20
CA PHE A 55 -17.61 -8.16 -17.40
C PHE A 55 -17.87 -7.91 -15.93
N ALA A 56 -17.75 -8.99 -15.15
CA ALA A 56 -17.86 -8.89 -13.71
C ALA A 56 -16.53 -8.55 -13.05
N VAL A 57 -15.41 -8.67 -13.78
CA VAL A 57 -14.07 -8.44 -13.26
C VAL A 57 -13.21 -7.93 -14.41
N VAL A 58 -12.52 -6.83 -14.18
CA VAL A 58 -11.50 -6.33 -15.08
C VAL A 58 -10.19 -6.33 -14.31
N MET A 59 -9.14 -6.78 -14.97
CA MET A 59 -7.81 -6.77 -14.41
C MET A 59 -6.87 -6.19 -15.44
N ALA A 60 -5.94 -5.36 -14.96
CA ALA A 60 -5.00 -4.71 -15.83
C ALA A 60 -3.68 -4.60 -15.13
N ASP A 61 -2.62 -4.90 -15.86
CA ASP A 61 -1.25 -4.72 -15.39
C ASP A 61 -0.58 -3.78 -16.39
N PRO A 62 -0.94 -2.50 -16.35
CA PRO A 62 -0.58 -1.60 -17.43
C PRO A 62 0.91 -1.30 -17.43
N PRO A 63 1.48 -0.97 -18.57
CA PRO A 63 2.87 -0.51 -18.61
C PRO A 63 2.94 0.97 -18.32
N TRP A 64 3.10 1.30 -17.04
CA TRP A 64 3.07 2.69 -16.63
C TRP A 64 4.35 3.41 -17.04
N ASP A 65 4.24 4.72 -17.24
CA ASP A 65 5.39 5.52 -17.65
C ASP A 65 6.19 5.94 -16.43
N ILE A 66 7.23 5.16 -16.12
CA ILE A 66 8.11 5.44 -14.99
C ILE A 66 9.58 5.44 -15.43
N PRO A 71 11.89 -1.40 -21.34
CA PRO A 71 12.05 -2.72 -21.99
C PRO A 71 10.86 -3.07 -22.89
N TYR A 72 9.84 -2.21 -22.86
CA TYR A 72 8.62 -2.40 -23.64
C TYR A 72 7.98 -1.03 -23.85
N GLY A 73 6.90 -1.01 -24.63
CA GLY A 73 6.19 0.24 -24.89
C GLY A 73 5.32 0.63 -23.70
N THR A 74 5.51 1.87 -23.22
CA THR A 74 4.71 2.41 -22.13
C THR A 74 3.71 3.43 -22.68
N LEU A 75 2.59 3.57 -21.98
CA LEU A 75 1.59 4.57 -22.33
C LEU A 75 1.80 5.78 -21.43
N THR A 76 1.66 6.97 -22.01
CA THR A 76 1.73 8.15 -21.19
C THR A 76 0.50 8.21 -20.32
N ASP A 77 0.55 9.12 -19.34
CA ASP A 77 -0.54 9.26 -18.39
C ASP A 77 -1.85 9.60 -19.08
N ASP A 78 -1.81 10.42 -20.13
CA ASP A 78 -3.06 10.72 -20.82
C ASP A 78 -3.63 9.49 -21.51
N GLU A 79 -2.78 8.77 -22.25
CA GLU A 79 -3.24 7.53 -22.86
C GLU A 79 -3.87 6.61 -21.82
N MET A 80 -3.33 6.58 -20.60
CA MET A 80 -3.91 5.72 -19.56
C MET A 80 -5.26 6.25 -19.09
N ARG A 81 -5.37 7.55 -18.82
CA ARG A 81 -6.66 8.08 -18.38
C ARG A 81 -7.73 7.85 -19.45
N ARG A 82 -7.35 7.92 -20.73
CA ARG A 82 -8.34 7.87 -21.79
C ARG A 82 -8.71 6.47 -22.22
N LEU A 83 -8.03 5.44 -21.71
CA LEU A 83 -8.50 4.07 -21.93
C LEU A 83 -9.98 3.98 -21.66
N ASN A 84 -10.66 3.14 -22.43
CA ASN A 84 -12.11 3.02 -22.29
C ASN A 84 -12.52 1.93 -21.30
N ILE A 85 -11.97 2.01 -20.07
CA ILE A 85 -12.45 1.13 -19.00
C ILE A 85 -13.94 1.23 -18.76
N PRO A 86 -14.59 2.41 -18.84
CA PRO A 86 -15.95 2.49 -18.29
C PRO A 86 -16.98 1.66 -19.05
N VAL A 87 -16.75 1.41 -20.34
CA VAL A 87 -17.73 0.62 -21.09
C VAL A 87 -17.64 -0.85 -20.73
N LEU A 88 -16.57 -1.26 -20.03
CA LEU A 88 -16.35 -2.67 -19.77
C LEU A 88 -17.24 -3.21 -18.66
N GLN A 89 -17.71 -2.36 -17.74
CA GLN A 89 -18.46 -2.86 -16.59
C GLN A 89 -19.61 -1.93 -16.28
N ASP A 90 -20.64 -2.51 -15.67
CA ASP A 90 -21.69 -1.78 -15.00
C ASP A 90 -21.67 -2.07 -13.51
N ASP A 91 -21.56 -3.32 -13.12
CA ASP A 91 -21.51 -3.72 -11.71
C ASP A 91 -20.38 -4.71 -11.58
N GLY A 92 -19.29 -4.31 -10.92
CA GLY A 92 -18.22 -5.26 -10.70
C GLY A 92 -16.91 -4.62 -10.26
N PHE A 93 -15.86 -5.43 -10.36
CA PHE A 93 -14.60 -5.21 -9.69
C PHE A 93 -13.48 -4.98 -10.68
N LEU A 94 -12.51 -4.16 -10.28
CA LEU A 94 -11.36 -3.83 -11.09
C LEU A 94 -10.11 -4.11 -10.29
N PHE A 95 -9.19 -4.87 -10.87
CA PHE A 95 -7.92 -5.19 -10.26
C PHE A 95 -6.84 -4.48 -11.07
N LEU A 96 -6.07 -3.61 -10.40
CA LEU A 96 -5.17 -2.67 -11.06
C LEU A 96 -3.78 -2.73 -10.42
N TRP A 97 -2.81 -3.32 -11.11
CA TRP A 97 -1.47 -3.37 -10.59
C TRP A 97 -0.84 -1.99 -10.68
N VAL A 98 -0.20 -1.57 -9.60
CA VAL A 98 0.43 -0.26 -9.50
C VAL A 98 1.81 -0.45 -8.90
N THR A 99 2.75 0.39 -9.35
CA THR A 99 4.10 0.40 -8.83
C THR A 99 4.58 1.84 -8.87
N GLY A 100 5.46 2.18 -7.93
CA GLY A 100 6.08 3.49 -7.95
C GLY A 100 5.08 4.63 -7.98
N ARG A 101 5.33 5.54 -8.91
CA ARG A 101 4.48 6.70 -9.08
C ARG A 101 3.05 6.33 -9.46
N ALA A 102 2.85 5.13 -10.01
CA ALA A 102 1.52 4.73 -10.43
C ALA A 102 0.60 4.41 -9.26
N MET A 103 1.12 4.30 -8.03
CA MET A 103 0.20 4.12 -6.91
C MET A 103 -0.69 5.34 -6.74
N GLU A 104 -0.23 6.49 -7.21
CA GLU A 104 -1.00 7.72 -7.18
C GLU A 104 -1.77 7.94 -8.46
N LEU A 105 -1.15 7.64 -9.60
CA LEU A 105 -1.84 7.75 -10.87
C LEU A 105 -2.93 6.71 -11.01
N GLY A 106 -2.62 5.46 -10.65
CA GLY A 106 -3.62 4.41 -10.71
C GLY A 106 -4.83 4.72 -9.85
N ARG A 107 -4.60 5.37 -8.70
CA ARG A 107 -5.74 5.83 -7.91
C ARG A 107 -6.53 6.86 -8.68
N GLU A 108 -5.82 7.72 -9.43
CA GLU A 108 -6.49 8.72 -10.24
C GLU A 108 -7.31 8.06 -11.35
N CYS A 109 -6.67 7.21 -12.17
CA CYS A 109 -7.40 6.52 -13.24
C CYS A 109 -8.57 5.73 -12.69
N LEU A 110 -8.39 5.13 -11.53
CA LEU A 110 -9.43 4.30 -10.95
C LEU A 110 -10.63 5.14 -10.61
N ASN A 111 -10.40 6.30 -9.99
CA ASN A 111 -11.51 7.21 -9.73
C ASN A 111 -12.07 7.77 -11.05
N LEU A 112 -11.19 8.17 -11.97
CA LEU A 112 -11.66 8.76 -13.23
C LEU A 112 -12.56 7.78 -13.97
N TRP A 113 -12.22 6.47 -13.97
CA TRP A 113 -13.03 5.46 -14.64
C TRP A 113 -14.33 5.10 -13.93
N GLY A 114 -14.61 5.65 -12.75
CA GLY A 114 -15.88 5.37 -12.11
C GLY A 114 -15.84 4.39 -10.95
N TYR A 115 -14.66 4.03 -10.45
CA TYR A 115 -14.54 3.07 -9.38
C TYR A 115 -14.16 3.76 -8.07
N GLU A 116 -14.53 3.10 -6.98
CA GLU A 116 -14.04 3.41 -5.65
C GLU A 116 -13.08 2.32 -5.22
N ARG A 117 -11.93 2.70 -4.70
CA ARG A 117 -10.95 1.75 -4.19
C ARG A 117 -11.40 1.26 -2.83
N VAL A 118 -11.61 -0.05 -2.71
CA VAL A 118 -12.12 -0.66 -1.50
C VAL A 118 -11.21 -1.75 -0.95
N ASP A 119 -10.03 -1.96 -1.53
CA ASP A 119 -9.05 -2.92 -1.05
C ASP A 119 -7.78 -2.76 -1.84
N GLU A 120 -6.72 -3.34 -1.32
CA GLU A 120 -5.41 -3.27 -1.94
C GLU A 120 -4.73 -4.59 -1.61
N ILE A 121 -4.44 -5.36 -2.62
CA ILE A 121 -3.70 -6.59 -2.47
C ILE A 121 -2.21 -6.29 -2.62
N ILE A 122 -1.39 -6.93 -1.79
CA ILE A 122 0.05 -6.89 -1.99
C ILE A 122 0.55 -8.31 -2.16
N TRP A 123 1.47 -8.48 -3.09
CA TRP A 123 2.11 -9.77 -3.34
C TRP A 123 3.52 -9.70 -2.75
N VAL A 124 3.74 -10.43 -1.65
CA VAL A 124 5.08 -10.60 -1.10
C VAL A 124 5.82 -11.62 -1.96
N LYS A 125 6.96 -11.19 -2.51
CA LYS A 125 7.74 -12.01 -3.44
C LYS A 125 8.78 -12.83 -2.67
N THR A 126 8.75 -14.15 -2.82
CA THR A 126 9.69 -15.07 -2.18
C THR A 126 10.48 -15.86 -3.24
N ASN A 127 11.28 -16.81 -2.76
CA ASN A 127 11.95 -17.80 -3.60
C ASN A 127 11.33 -19.18 -3.39
N GLN A 128 11.99 -20.21 -3.93
CA GLN A 128 11.56 -21.58 -3.72
C GLN A 128 11.85 -22.06 -2.30
N LEU A 129 12.54 -21.24 -1.50
CA LEU A 129 12.78 -21.52 -0.10
C LEU A 129 11.93 -20.65 0.83
N GLN A 130 10.99 -19.89 0.26
CA GLN A 130 9.99 -19.11 1.01
C GLN A 130 10.64 -18.08 1.93
N ARG A 131 11.60 -17.34 1.41
CA ARG A 131 12.15 -16.18 2.10
C ARG A 131 11.96 -14.95 1.21
N ILE A 132 12.02 -13.77 1.81
CA ILE A 132 11.78 -12.54 1.07
C ILE A 132 13.03 -12.14 0.29
N ILE A 133 12.82 -11.59 -0.90
CA ILE A 133 13.91 -11.14 -1.76
C ILE A 133 14.28 -9.66 -1.50
CA GLY A 139 11.49 3.69 -4.73
C GLY A 139 12.95 3.34 -4.46
N HIS A 140 13.80 4.36 -4.42
CA HIS A 140 15.22 4.16 -4.19
C HIS A 140 15.60 4.21 -2.72
N TRP A 141 14.63 4.30 -1.81
CA TRP A 141 14.93 4.39 -0.38
C TRP A 141 14.89 3.03 0.31
N LEU A 142 13.94 2.16 -0.05
CA LEU A 142 13.88 0.81 0.46
C LEU A 142 13.89 -0.19 -0.70
N ASN A 143 14.34 -1.41 -0.40
CA ASN A 143 14.20 -2.52 -1.32
C ASN A 143 12.74 -2.98 -1.31
N HIS A 144 12.18 -3.20 -2.49
CA HIS A 144 10.76 -3.51 -2.61
C HIS A 144 10.58 -5.02 -2.57
N GLY A 145 9.99 -5.50 -1.48
CA GLY A 145 9.68 -6.91 -1.38
C GLY A 145 8.22 -7.18 -1.62
N LYS A 146 7.57 -6.37 -2.43
CA LYS A 146 6.15 -6.58 -2.71
C LYS A 146 5.74 -5.83 -3.98
N GLU A 147 4.60 -6.24 -4.52
CA GLU A 147 3.94 -5.55 -5.61
C GLU A 147 2.52 -5.27 -5.18
N HIS A 148 1.96 -4.16 -5.66
CA HIS A 148 0.65 -3.72 -5.20
C HIS A 148 -0.40 -3.87 -6.29
N CYS A 149 -1.62 -4.17 -5.85
CA CYS A 149 -2.75 -4.28 -6.74
C CYS A 149 -3.92 -3.58 -6.09
N LEU A 150 -4.36 -2.48 -6.66
CA LEU A 150 -5.54 -1.83 -6.13
C LEU A 150 -6.77 -2.64 -6.51
N VAL A 151 -7.74 -2.69 -5.60
CA VAL A 151 -9.06 -3.25 -5.86
C VAL A 151 -10.09 -2.14 -5.88
N GLY A 152 -10.85 -2.07 -6.98
CA GLY A 152 -11.90 -1.09 -7.13
C GLY A 152 -13.24 -1.75 -7.39
N VAL A 153 -14.30 -1.10 -6.93
CA VAL A 153 -15.68 -1.53 -7.12
C VAL A 153 -16.41 -0.48 -7.96
N LYS A 154 -17.38 -0.92 -8.73
CA LYS A 154 -18.19 -0.04 -9.57
C LYS A 154 -19.61 -0.55 -9.52
N GLY A 155 -20.56 0.37 -9.55
CA GLY A 155 -21.94 -0.05 -9.56
C GLY A 155 -22.33 -0.75 -8.28
N ASN A 156 -23.34 -1.62 -8.39
CA ASN A 156 -23.80 -2.48 -7.31
C ASN A 156 -23.56 -3.93 -7.73
N PRO A 157 -22.32 -4.41 -7.62
CA PRO A 157 -22.06 -5.81 -7.96
C PRO A 157 -22.75 -6.69 -6.94
N GLN A 158 -23.33 -7.78 -7.42
CA GLN A 158 -24.18 -8.57 -6.56
C GLN A 158 -23.96 -10.02 -6.92
N GLY A 159 -23.92 -10.86 -5.89
CA GLY A 159 -23.65 -12.27 -6.10
C GLY A 159 -22.21 -12.64 -5.96
N PHE A 160 -21.46 -11.94 -5.12
CA PHE A 160 -20.03 -12.10 -4.99
C PHE A 160 -19.69 -12.61 -3.61
N ASN A 161 -18.72 -13.51 -3.54
CA ASN A 161 -18.35 -14.08 -2.26
C ASN A 161 -17.18 -13.27 -1.68
N GLN A 162 -17.49 -12.05 -1.29
CA GLN A 162 -16.42 -11.24 -0.71
C GLN A 162 -16.10 -11.72 0.70
N GLY A 163 -14.82 -11.68 1.04
CA GLY A 163 -14.34 -12.18 2.31
C GLY A 163 -13.73 -13.57 2.32
N LEU A 164 -13.49 -14.19 1.17
CA LEU A 164 -12.93 -15.54 1.14
C LEU A 164 -11.42 -15.56 1.17
N ASP A 165 -10.75 -14.49 0.78
CA ASP A 165 -9.29 -14.51 0.73
C ASP A 165 -8.69 -13.37 1.54
N CYS A 166 -7.38 -13.42 1.67
CA CYS A 166 -6.60 -12.40 2.33
C CYS A 166 -6.23 -11.36 1.31
N ASP A 167 -5.84 -10.19 1.80
CA ASP A 167 -5.28 -9.19 0.93
C ASP A 167 -3.77 -9.32 0.80
N VAL A 168 -3.21 -10.44 1.27
CA VAL A 168 -1.81 -10.76 1.09
C VAL A 168 -1.67 -12.03 0.26
N ILE A 169 -0.90 -11.95 -0.81
CA ILE A 169 -0.51 -13.11 -1.58
C ILE A 169 0.95 -13.39 -1.28
N VAL A 170 1.29 -14.65 -1.04
CA VAL A 170 2.68 -15.09 -0.94
C VAL A 170 2.91 -16.16 -2.00
N ALA A 171 4.00 -16.03 -2.75
CA ALA A 171 4.22 -16.85 -3.94
C ALA A 171 5.60 -16.56 -4.49
N GLU A 172 6.17 -17.56 -5.16
CA GLU A 172 7.50 -17.42 -5.74
C GLU A 172 7.45 -16.58 -7.00
N VAL A 173 8.45 -15.71 -7.16
CA VAL A 173 8.61 -14.90 -8.37
C VAL A 173 8.98 -15.82 -9.53
N ARG A 174 8.04 -16.07 -10.45
CA ARG A 174 8.28 -16.93 -11.59
C ARG A 174 9.29 -16.31 -12.55
N SER A 175 8.81 -15.52 -13.51
CA SER A 175 9.65 -14.82 -14.48
C SER A 175 9.50 -13.32 -14.31
N THR A 176 10.49 -12.57 -14.80
CA THR A 176 10.48 -11.14 -14.60
C THR A 176 9.27 -10.52 -15.31
N SER A 177 8.49 -9.76 -14.54
CA SER A 177 7.29 -9.08 -15.00
C SER A 177 6.14 -10.06 -15.27
N HIS A 178 6.08 -11.15 -14.49
CA HIS A 178 4.99 -12.11 -14.56
C HIS A 178 4.13 -12.00 -13.33
N LYS A 179 2.83 -11.84 -13.53
CA LYS A 179 1.90 -11.80 -12.40
C LYS A 179 1.63 -13.22 -11.88
N PRO A 180 1.40 -13.36 -10.57
CA PRO A 180 1.28 -14.71 -9.97
C PRO A 180 -0.11 -15.30 -10.04
N ASP A 181 -0.19 -16.52 -10.58
CA ASP A 181 -1.39 -17.35 -10.73
C ASP A 181 -2.39 -17.29 -9.58
N GLU A 182 -1.91 -17.01 -8.36
CA GLU A 182 -2.83 -17.06 -7.22
C GLU A 182 -3.93 -15.99 -7.34
N ILE A 183 -3.67 -14.88 -8.04
CA ILE A 183 -4.68 -13.83 -8.16
C ILE A 183 -5.88 -14.33 -8.96
N TYR A 184 -5.64 -15.13 -9.99
CA TYR A 184 -6.76 -15.70 -10.75
C TYR A 184 -7.64 -16.56 -9.84
N GLY A 185 -7.02 -17.44 -9.05
CA GLY A 185 -7.80 -18.22 -8.10
C GLY A 185 -8.58 -17.36 -7.14
N MET A 186 -7.92 -16.33 -6.58
CA MET A 186 -8.59 -15.38 -5.71
C MET A 186 -9.79 -14.76 -6.43
N ILE A 187 -9.58 -14.34 -7.68
CA ILE A 187 -10.66 -13.69 -8.42
C ILE A 187 -11.77 -14.70 -8.74
N GLU A 188 -11.38 -15.93 -9.08
CA GLU A 188 -12.38 -16.98 -9.34
C GLU A 188 -13.25 -17.27 -8.10
N ARG A 189 -12.61 -17.41 -6.93
CA ARG A 189 -13.41 -17.58 -5.71
C ARG A 189 -14.30 -16.38 -5.44
N LEU A 190 -13.86 -15.19 -5.80
CA LEU A 190 -14.67 -14.01 -5.56
C LEU A 190 -15.91 -14.01 -6.43
N SER A 191 -15.74 -14.34 -7.72
CA SER A 191 -16.76 -14.24 -8.76
C SER A 191 -16.80 -15.52 -9.58
N PRO A 192 -17.41 -16.58 -9.05
CA PRO A 192 -17.35 -17.88 -9.73
C PRO A 192 -18.15 -17.89 -11.01
N GLY A 193 -17.52 -18.35 -12.09
CA GLY A 193 -18.17 -18.60 -13.37
C GLY A 193 -18.59 -17.39 -14.17
N THR A 194 -18.15 -16.19 -13.79
CA THR A 194 -18.51 -14.95 -14.47
C THR A 194 -17.50 -14.62 -15.57
N ARG A 195 -17.86 -13.61 -16.37
CA ARG A 195 -17.02 -13.13 -17.47
C ARG A 195 -16.00 -12.11 -16.98
N LYS A 196 -14.75 -12.31 -17.36
CA LYS A 196 -13.63 -11.53 -16.87
C LYS A 196 -12.74 -11.15 -18.05
N ILE A 197 -12.02 -10.03 -17.92
CA ILE A 197 -11.13 -9.58 -18.99
C ILE A 197 -9.85 -9.00 -18.39
N GLU A 198 -8.72 -9.35 -19.00
CA GLU A 198 -7.43 -8.84 -18.60
C GLU A 198 -6.93 -7.87 -19.67
N LEU A 199 -6.29 -6.80 -19.24
CA LEU A 199 -5.73 -5.82 -20.16
C LEU A 199 -4.22 -5.82 -20.01
N PHE A 200 -3.53 -5.76 -21.14
CA PHE A 200 -2.07 -5.85 -21.19
C PHE A 200 -1.60 -7.21 -20.68
N GLY A 201 -2.35 -8.26 -21.00
CA GLY A 201 -1.89 -9.60 -20.75
C GLY A 201 -0.77 -10.01 -21.69
N ARG A 202 -0.01 -11.00 -21.25
CA ARG A 202 1.02 -11.68 -22.01
C ARG A 202 0.58 -13.13 -22.21
N PRO A 203 1.17 -13.85 -23.20
CA PRO A 203 0.67 -15.18 -23.56
C PRO A 203 0.17 -16.04 -22.40
N HIS A 204 1.10 -16.34 -21.48
CA HIS A 204 0.85 -17.17 -20.30
C HIS A 204 -0.25 -16.67 -19.37
N ASN A 205 -0.78 -15.46 -19.62
CA ASN A 205 -1.90 -14.95 -18.84
C ASN A 205 -3.26 -15.52 -19.25
N VAL A 206 -3.34 -16.28 -20.36
CA VAL A 206 -4.66 -16.72 -20.81
C VAL A 206 -5.22 -17.73 -19.82
N GLN A 207 -6.51 -17.61 -19.52
CA GLN A 207 -7.15 -18.36 -18.46
C GLN A 207 -8.60 -18.61 -18.82
N PRO A 208 -9.16 -19.75 -18.41
CA PRO A 208 -10.59 -19.99 -18.66
C PRO A 208 -11.44 -18.90 -18.02
N ASN A 209 -12.57 -18.60 -18.67
CA ASN A 209 -13.47 -17.50 -18.38
C ASN A 209 -12.84 -16.13 -18.63
N TRP A 210 -11.62 -16.06 -19.17
CA TRP A 210 -10.93 -14.79 -19.35
C TRP A 210 -10.68 -14.52 -20.83
N ILE A 211 -11.06 -13.32 -21.28
CA ILE A 211 -10.55 -12.75 -22.51
C ILE A 211 -9.33 -11.92 -22.17
N THR A 212 -8.18 -12.27 -22.72
CA THR A 212 -6.94 -11.51 -22.52
C THR A 212 -6.73 -10.57 -23.70
N LEU A 213 -6.40 -9.31 -23.41
CA LEU A 213 -5.95 -8.37 -24.43
C LEU A 213 -4.51 -7.99 -24.19
N GLY A 214 -3.78 -7.74 -25.27
CA GLY A 214 -2.35 -7.58 -25.20
C GLY A 214 -1.71 -7.74 -26.57
N ASN A 215 -0.58 -7.07 -26.79
CA ASN A 215 0.03 -7.06 -28.13
C ASN A 215 1.01 -8.22 -28.34
N GLN A 216 1.60 -8.76 -27.28
CA GLN A 216 2.47 -9.93 -27.39
C GLN A 216 1.70 -11.25 -27.59
N LEU A 217 0.41 -11.21 -27.97
CA LEU A 217 -0.39 -12.42 -28.16
C LEU A 217 -0.42 -12.80 -29.63
N ASP A 218 -0.91 -14.01 -29.91
CA ASP A 218 -0.90 -14.58 -31.26
C ASP A 218 -2.31 -14.54 -31.84
N GLY A 219 -2.58 -13.48 -32.60
CA GLY A 219 -3.81 -13.43 -33.36
C GLY A 219 -5.05 -13.15 -32.52
N ILE A 220 -6.17 -13.73 -32.96
CA ILE A 220 -7.47 -13.45 -32.39
C ILE A 220 -8.22 -14.76 -32.21
N HIS A 221 -8.29 -15.24 -30.96
CA HIS A 221 -8.94 -16.51 -30.64
C HIS A 221 -10.22 -16.23 -29.88
N LEU A 222 -11.36 -16.33 -30.55
CA LEU A 222 -12.64 -15.94 -29.97
C LEU A 222 -13.63 -17.06 -30.19
N LEU A 223 -14.43 -17.33 -29.18
CA LEU A 223 -15.29 -18.50 -29.13
C LEU A 223 -16.68 -18.19 -28.61
N ASP A 224 -16.84 -17.16 -27.80
CA ASP A 224 -18.15 -16.74 -27.34
C ASP A 224 -18.94 -16.23 -28.54
N PRO A 225 -20.12 -16.79 -28.84
CA PRO A 225 -20.81 -16.40 -30.08
C PRO A 225 -21.22 -14.94 -30.14
N ASP A 226 -21.72 -14.35 -29.04
CA ASP A 226 -22.08 -12.94 -29.06
C ASP A 226 -20.88 -12.04 -29.35
N VAL A 227 -19.67 -12.50 -29.03
CA VAL A 227 -18.46 -11.72 -29.22
C VAL A 227 -17.88 -11.90 -30.62
N VAL A 228 -17.87 -13.13 -31.15
CA VAL A 228 -17.45 -13.31 -32.54
C VAL A 228 -18.40 -12.56 -33.47
N ALA A 229 -19.66 -12.40 -33.07
CA ALA A 229 -20.63 -11.63 -33.84
C ALA A 229 -20.27 -10.16 -33.88
N ARG A 230 -20.18 -9.51 -32.72
CA ARG A 230 -19.91 -8.08 -32.70
C ARG A 230 -18.54 -7.77 -33.28
N PHE A 231 -17.60 -8.71 -33.21
CA PHE A 231 -16.26 -8.49 -33.76
C PHE A 231 -16.29 -8.49 -35.28
N LYS A 232 -17.08 -9.39 -35.88
CA LYS A 232 -17.22 -9.41 -37.32
C LYS A 232 -18.03 -8.22 -37.83
N GLN A 233 -19.00 -7.74 -37.04
CA GLN A 233 -19.75 -6.55 -37.46
C GLN A 233 -18.92 -5.27 -37.34
N ARG A 234 -18.01 -5.18 -36.35
CA ARG A 234 -17.19 -3.99 -36.17
C ARG A 234 -15.91 -4.04 -36.99
N TYR A 235 -15.35 -5.22 -37.21
CA TYR A 235 -14.14 -5.40 -38.03
C TYR A 235 -14.38 -6.40 -39.14
N PRO A 236 -15.19 -6.05 -40.16
CA PRO A 236 -15.36 -6.98 -41.30
C PRO A 236 -14.05 -7.53 -41.87
N ASP A 237 -13.07 -6.66 -42.14
CA ASP A 237 -11.81 -7.10 -42.74
C ASP A 237 -10.76 -7.48 -41.70
N GLY A 238 -11.15 -7.61 -40.44
CA GLY A 238 -10.27 -8.09 -39.37
C GLY A 238 -8.92 -7.40 -39.20
N ILE A 239 -8.91 -6.09 -39.00
CA ILE A 239 -7.66 -5.37 -38.79
C ILE A 239 -7.94 -4.05 -38.07
N ILE A 240 -7.43 -3.92 -36.85
CA ILE A 240 -7.68 -2.72 -36.05
C ILE A 240 -6.96 -1.50 -36.63
N TYR B 14 -0.46 -20.07 -1.53
CA TYR B 14 -0.93 -20.41 -0.19
C TYR B 14 -2.31 -19.81 0.08
N CYS B 15 -2.98 -19.39 -1.00
CA CYS B 15 -4.28 -18.72 -0.93
C CYS B 15 -5.44 -19.71 -0.99
N GLN B 16 -5.31 -20.81 -1.74
CA GLN B 16 -6.24 -21.92 -1.55
C GLN B 16 -6.02 -22.64 -0.24
N HIS B 17 -4.87 -22.40 0.42
CA HIS B 17 -4.62 -22.94 1.74
C HIS B 17 -5.29 -22.08 2.82
N PHE B 18 -5.18 -20.75 2.72
CA PHE B 18 -5.86 -19.91 3.72
C PHE B 18 -7.36 -20.13 3.70
N VAL B 19 -7.95 -20.28 2.51
CA VAL B 19 -9.38 -20.54 2.41
C VAL B 19 -9.74 -21.89 3.01
N ASP B 20 -8.78 -22.81 3.10
CA ASP B 20 -9.00 -24.15 3.63
C ASP B 20 -8.68 -24.24 5.13
N THR B 21 -7.45 -23.88 5.53
CA THR B 21 -7.00 -24.12 6.90
C THR B 21 -7.11 -22.90 7.82
N GLY B 22 -7.31 -21.71 7.27
CA GLY B 22 -7.35 -20.51 8.09
C GLY B 22 -6.00 -19.86 8.33
N HIS B 23 -4.93 -20.43 7.81
CA HIS B 23 -3.60 -19.83 7.92
C HIS B 23 -3.42 -18.80 6.81
N ARG B 24 -3.19 -17.55 7.20
CA ARG B 24 -2.98 -16.51 6.21
C ARG B 24 -1.76 -16.83 5.36
N PRO B 25 -1.79 -16.50 4.06
CA PRO B 25 -0.65 -16.80 3.20
C PRO B 25 0.68 -16.45 3.84
N GLN B 26 0.71 -15.40 4.68
CA GLN B 26 1.96 -14.92 5.25
C GLN B 26 2.42 -15.69 6.48
N ASN B 27 1.63 -16.63 6.99
CA ASN B 27 2.09 -17.42 8.12
C ASN B 27 3.30 -18.29 7.78
N PHE B 28 3.66 -18.42 6.51
CA PHE B 28 4.68 -19.37 6.06
C PHE B 28 5.94 -18.71 5.51
N ILE B 29 6.12 -17.41 5.69
CA ILE B 29 7.36 -16.78 5.26
C ILE B 29 8.45 -17.09 6.28
N ARG B 30 9.65 -17.36 5.80
CA ARG B 30 10.73 -17.84 6.63
C ARG B 30 11.76 -16.74 6.86
N ASP B 31 12.48 -16.84 7.99
CA ASP B 31 13.51 -15.88 8.34
C ASP B 31 12.90 -14.47 8.43
N VAL B 32 11.84 -14.36 9.22
CA VAL B 32 11.09 -13.11 9.38
C VAL B 32 11.40 -12.49 10.74
N GLU B 46 26.73 -7.89 6.00
CA GLU B 46 26.62 -8.74 7.19
C GLU B 46 26.28 -7.94 8.47
N LEU B 47 27.30 -7.54 9.22
CA LEU B 47 27.12 -6.93 10.55
C LEU B 47 26.85 -5.43 10.42
N ILE B 48 25.58 -5.09 10.22
CA ILE B 48 25.13 -3.70 10.24
C ILE B 48 24.99 -3.22 11.67
N ARG B 49 25.68 -3.89 12.59
CA ARG B 49 25.49 -3.61 14.01
C ARG B 49 26.14 -2.30 14.40
N LEU B 50 27.24 -1.92 13.74
CA LEU B 50 27.98 -0.73 14.13
C LEU B 50 27.13 0.53 13.94
N LYS B 51 26.40 0.60 12.83
CA LYS B 51 25.46 1.69 12.62
C LYS B 51 24.51 1.84 13.79
N ASP B 52 24.03 0.72 14.33
CA ASP B 52 23.14 0.79 15.49
C ASP B 52 23.85 1.43 16.67
N GLU B 53 25.13 1.11 16.87
CA GLU B 53 25.90 1.78 17.91
C GLU B 53 25.96 3.27 17.66
N LEU B 54 26.21 3.67 16.40
CA LEU B 54 26.31 5.09 16.11
C LEU B 54 24.99 5.81 16.38
N ILE B 55 23.87 5.20 15.96
CA ILE B 55 22.58 5.79 16.26
C ILE B 55 22.39 5.93 17.76
N ALA B 56 22.79 4.93 18.52
CA ALA B 56 22.54 4.97 19.96
C ALA B 56 23.41 6.02 20.64
N LYS B 57 24.67 6.14 20.23
CA LYS B 57 25.52 7.16 20.82
C LYS B 57 25.00 8.55 20.47
N SER B 58 24.44 8.70 19.27
CA SER B 58 23.97 9.98 18.76
C SER B 58 22.62 10.40 19.35
N ASN B 59 21.84 9.48 19.92
CA ASN B 59 20.48 9.79 20.31
C ASN B 59 20.39 10.80 21.46
N THR B 60 19.58 11.84 21.26
CA THR B 60 19.17 12.72 22.33
C THR B 60 18.47 11.92 23.42
N PRO B 61 18.48 12.41 24.65
CA PRO B 61 17.65 11.80 25.67
C PRO B 61 16.19 11.87 25.25
N PRO B 62 15.36 10.93 25.68
CA PRO B 62 13.95 10.99 25.29
C PRO B 62 13.28 12.20 25.93
N MET B 63 12.46 12.88 25.15
CA MET B 63 11.55 13.89 25.68
C MET B 63 10.13 13.56 25.26
N TYR B 64 9.21 14.04 26.07
CA TYR B 64 7.84 13.67 25.91
C TYR B 64 7.00 14.77 26.55
N LEU B 65 5.77 14.90 26.06
CA LEU B 65 4.86 15.95 26.48
C LEU B 65 3.44 15.43 26.33
N GLN B 66 2.68 15.43 27.41
CA GLN B 66 1.26 15.21 27.26
C GLN B 66 0.62 16.46 26.70
N ALA B 67 -0.15 16.31 25.62
CA ALA B 67 -0.98 17.40 25.09
C ALA B 67 -2.13 16.80 24.34
N ASP B 68 -3.29 17.45 24.39
CA ASP B 68 -4.36 17.05 23.48
C ASP B 68 -4.11 17.74 22.15
N ILE B 69 -3.76 16.93 21.14
CA ILE B 69 -3.25 17.49 19.89
C ILE B 69 -4.37 18.18 19.13
N GLU B 70 -5.60 17.69 19.25
CA GLU B 70 -6.75 18.42 18.73
C GLU B 70 -6.70 19.89 19.17
N ALA B 71 -6.38 20.13 20.44
CA ALA B 71 -6.65 21.41 21.08
C ALA B 71 -5.37 22.17 21.38
N PHE B 72 -4.35 21.98 20.58
CA PHE B 72 -3.02 22.45 20.93
C PHE B 72 -2.40 23.02 19.68
N ASP B 73 -1.93 24.25 19.78
CA ASP B 73 -1.23 24.83 18.65
C ASP B 73 0.06 24.04 18.49
N ILE B 74 0.20 23.39 17.33
CA ILE B 74 1.40 22.60 17.06
C ILE B 74 2.66 23.47 16.91
N ARG B 75 2.52 24.75 16.51
CA ARG B 75 3.68 25.62 16.31
C ARG B 75 4.50 25.83 17.58
N GLU B 76 3.96 25.51 18.77
CA GLU B 76 4.70 25.56 20.03
C GLU B 76 5.72 24.42 20.13
N LEU B 77 5.47 23.32 19.40
CA LEU B 77 6.49 22.30 19.23
C LEU B 77 7.57 22.89 18.35
N THR B 78 8.73 23.15 18.91
CA THR B 78 9.83 23.70 18.13
C THR B 78 11.11 22.98 18.51
N PRO B 79 12.12 22.97 17.63
CA PRO B 79 12.15 23.65 16.33
C PRO B 79 11.39 22.88 15.25
N LYS B 80 11.81 23.00 14.00
CA LYS B 80 11.26 22.25 12.91
C LYS B 80 11.88 20.85 12.91
N PHE B 81 11.10 19.84 12.50
CA PHE B 81 11.49 18.44 12.67
C PHE B 81 12.06 17.84 11.39
N ASP B 82 13.07 16.99 11.56
CA ASP B 82 13.62 16.26 10.44
C ASP B 82 12.76 15.05 10.08
N VAL B 83 12.12 14.43 11.06
CA VAL B 83 11.31 13.23 10.87
C VAL B 83 10.06 13.37 11.70
N ILE B 84 8.91 13.07 11.09
CA ILE B 84 7.66 13.05 11.84
C ILE B 84 7.03 11.68 11.66
N LEU B 85 6.67 11.07 12.78
CA LEU B 85 6.01 9.77 12.82
C LEU B 85 4.64 10.04 13.40
N LEU B 86 3.61 9.64 12.68
CA LEU B 86 2.28 10.17 12.92
C LEU B 86 1.31 8.99 12.95
N GLU B 87 0.77 8.76 14.13
CA GLU B 87 0.10 7.51 14.47
C GLU B 87 -1.27 7.83 15.06
N PRO B 88 -2.10 8.58 14.33
CA PRO B 88 -3.39 8.99 14.89
C PRO B 88 -4.25 7.79 15.21
N PRO B 89 -5.06 7.86 16.24
CA PRO B 89 -5.95 6.74 16.56
C PRO B 89 -7.18 6.64 15.68
N LEU B 90 -7.09 5.84 14.62
CA LEU B 90 -8.23 5.65 13.72
C LEU B 90 -9.33 4.84 14.37
N GLU B 91 -10.58 5.23 14.08
CA GLU B 91 -11.74 4.46 14.52
C GLU B 91 -11.60 2.98 14.19
N GLU B 92 -10.91 2.64 13.09
CA GLU B 92 -10.81 1.24 12.70
C GLU B 92 -9.92 0.46 13.65
N TYR B 93 -9.05 1.12 14.41
CA TYR B 93 -8.22 0.38 15.36
C TYR B 93 -9.03 -0.24 16.49
N TYR B 94 -10.26 0.25 16.72
CA TYR B 94 -11.12 -0.21 17.82
C TYR B 94 -12.35 -0.91 17.26
N ARG B 95 -12.16 -1.76 16.24
CA ARG B 95 -13.25 -2.58 15.69
C ARG B 95 -13.33 -3.90 16.44
N GLU B 96 -13.62 -3.75 17.73
CA GLU B 96 -13.72 -4.84 18.71
C GLU B 96 -13.82 -4.23 20.11
N THR B 97 -13.11 -3.11 20.33
CA THR B 97 -13.12 -2.41 21.62
C THR B 97 -12.98 -0.89 21.44
N LYS B 104 -10.76 8.40 22.31
CA LYS B 104 -11.21 9.33 21.27
C LYS B 104 -10.61 9.01 19.89
N CYS B 105 -11.40 8.39 19.02
CA CYS B 105 -10.99 8.11 17.64
C CYS B 105 -10.88 9.41 16.85
N TRP B 106 -9.80 9.53 16.07
CA TRP B 106 -9.62 10.63 15.13
C TRP B 106 -10.10 10.21 13.74
N THR B 107 -10.80 11.09 13.05
CA THR B 107 -11.21 10.81 11.68
C THR B 107 -10.18 11.37 10.71
N TRP B 108 -10.26 10.93 9.46
CA TRP B 108 -9.35 11.53 8.50
C TRP B 108 -9.70 12.99 8.25
N ASP B 109 -10.95 13.39 8.54
CA ASP B 109 -11.32 14.79 8.60
C ASP B 109 -10.48 15.55 9.60
N ASP B 110 -10.26 14.97 10.79
CA ASP B 110 -9.46 15.61 11.84
C ASP B 110 -7.99 15.61 11.47
N ILE B 111 -7.46 14.44 11.11
CA ILE B 111 -6.05 14.32 10.74
C ILE B 111 -5.68 15.35 9.68
N MET B 112 -6.52 15.43 8.65
CA MET B 112 -6.23 16.29 7.52
C MET B 112 -6.13 17.75 7.93
N LYS B 113 -6.80 18.13 9.02
CA LYS B 113 -6.77 19.50 9.51
C LYS B 113 -5.56 19.83 10.37
N LEU B 114 -4.73 18.86 10.72
CA LEU B 114 -3.49 19.20 11.40
C LEU B 114 -2.60 19.98 10.46
N GLU B 115 -1.80 20.89 11.01
CA GLU B 115 -0.93 21.74 10.20
C GLU B 115 0.51 21.24 10.29
N ILE B 116 0.67 19.98 9.87
CA ILE B 116 2.00 19.36 9.91
C ILE B 116 3.02 20.20 9.20
N ASP B 117 2.64 20.92 8.16
CA ASP B 117 3.65 21.58 7.35
C ASP B 117 4.29 22.74 8.10
N GLU B 118 3.63 23.20 9.16
CA GLU B 118 4.14 24.29 9.98
C GLU B 118 5.26 23.85 10.90
N ILE B 119 5.37 22.56 11.20
CA ILE B 119 6.44 22.07 12.06
C ILE B 119 7.47 21.23 11.31
N ALA B 120 7.24 20.94 10.03
CA ALA B 120 8.22 20.18 9.27
C ALA B 120 9.37 21.07 8.82
N ALA B 121 10.58 20.55 8.92
CA ALA B 121 11.70 21.27 8.38
C ALA B 121 11.56 21.34 6.87
N PRO B 122 12.23 22.30 6.22
CA PRO B 122 12.13 22.39 4.76
C PRO B 122 12.50 21.11 4.04
N ARG B 123 13.54 20.41 4.49
CA ARG B 123 13.86 19.07 4.01
C ARG B 123 13.61 18.15 5.18
N SER B 124 12.60 17.29 5.06
CA SER B 124 12.17 16.47 6.17
C SER B 124 11.29 15.33 5.66
N PHE B 125 10.97 14.43 6.55
CA PHE B 125 10.31 13.19 6.19
C PHE B 125 9.15 12.95 7.13
N ILE B 126 8.16 12.25 6.60
CA ILE B 126 7.00 11.90 7.39
C ILE B 126 6.73 10.41 7.19
N PHE B 127 6.26 9.77 8.25
CA PHE B 127 5.83 8.39 8.22
C PHE B 127 4.47 8.42 8.88
N LEU B 128 3.44 8.05 8.12
CA LEU B 128 2.04 8.18 8.54
C LEU B 128 1.39 6.82 8.54
N TRP B 129 0.82 6.43 9.69
CA TRP B 129 0.12 5.14 9.77
C TRP B 129 -1.27 5.31 9.19
N CYS B 130 -1.56 4.60 8.10
CA CYS B 130 -2.81 4.84 7.36
C CYS B 130 -3.86 3.77 7.53
N GLY B 131 -3.56 2.66 8.19
CA GLY B 131 -4.56 1.65 8.46
C GLY B 131 -4.68 0.76 7.26
N SER B 132 -5.90 0.32 6.93
CA SER B 132 -6.09 -0.43 5.69
C SER B 132 -7.38 -0.10 4.94
N GLY B 133 -8.07 0.98 5.31
CA GLY B 133 -9.30 1.35 4.62
C GLY B 133 -9.16 2.58 3.77
N GLU B 134 -10.09 3.53 3.94
CA GLU B 134 -9.99 4.84 3.29
C GLU B 134 -8.63 5.49 3.51
N GLY B 135 -7.99 5.21 4.63
CA GLY B 135 -6.74 5.84 4.96
C GLY B 135 -5.66 5.68 3.90
N LEU B 136 -5.75 4.65 3.06
CA LEU B 136 -4.71 4.51 2.06
C LEU B 136 -4.87 5.54 0.97
N ASP B 137 -6.06 6.12 0.87
CA ASP B 137 -6.33 7.23 -0.02
C ASP B 137 -6.30 8.56 0.71
N LEU B 138 -7.04 8.67 1.84
CA LEU B 138 -7.04 9.93 2.56
C LEU B 138 -5.65 10.25 3.12
N GLY B 139 -4.85 9.22 3.44
CA GLY B 139 -3.49 9.48 3.88
C GLY B 139 -2.61 10.07 2.79
N ARG B 140 -2.85 9.71 1.53
CA ARG B 140 -2.08 10.33 0.45
C ARG B 140 -2.51 11.77 0.19
N VAL B 141 -3.79 12.06 0.41
CA VAL B 141 -4.26 13.43 0.34
C VAL B 141 -3.56 14.28 1.39
N CYS B 142 -3.50 13.77 2.63
CA CYS B 142 -2.77 14.44 3.69
C CYS B 142 -1.33 14.68 3.30
N LEU B 143 -0.64 13.62 2.82
CA LEU B 143 0.76 13.81 2.47
C LEU B 143 0.90 15.01 1.53
N ARG B 144 0.05 15.05 0.49
CA ARG B 144 0.16 16.11 -0.50
C ARG B 144 -0.26 17.44 0.11
N LYS B 145 -1.33 17.43 0.91
CA LYS B 145 -1.77 18.65 1.56
C LYS B 145 -0.63 19.31 2.33
N TRP B 146 0.21 18.50 2.99
CA TRP B 146 1.27 19.01 3.85
C TRP B 146 2.57 19.25 3.09
N GLY B 147 2.61 18.97 1.80
CA GLY B 147 3.80 19.24 1.03
C GLY B 147 4.76 18.10 0.81
N TYR B 148 4.35 16.86 1.05
CA TYR B 148 5.24 15.74 0.79
C TYR B 148 4.82 15.04 -0.49
N ARG B 149 5.73 14.21 -0.99
CA ARG B 149 5.39 13.20 -1.98
C ARG B 149 5.74 11.83 -1.37
N ARG B 150 4.93 10.83 -1.68
CA ARG B 150 5.19 9.48 -1.17
C ARG B 150 6.30 8.83 -1.98
N CYS B 151 7.40 8.43 -1.33
CA CYS B 151 8.39 7.62 -2.04
CA CYS B 151 8.44 7.65 -2.00
C CYS B 151 8.48 6.19 -1.55
N GLU B 152 7.75 5.82 -0.50
CA GLU B 152 7.76 4.45 0.03
C GLU B 152 6.44 4.13 0.68
N ASP B 153 5.98 2.91 0.46
CA ASP B 153 4.78 2.37 1.09
C ASP B 153 5.25 1.15 1.89
N ILE B 154 5.27 1.27 3.21
CA ILE B 154 5.74 0.21 4.10
C ILE B 154 4.55 -0.61 4.61
N CYS B 155 4.62 -1.93 4.48
CA CYS B 155 3.49 -2.76 4.87
C CYS B 155 3.80 -3.55 6.14
N TRP B 156 2.92 -3.42 7.13
CA TRP B 156 2.94 -4.26 8.31
C TRP B 156 2.04 -5.46 8.07
N ILE B 157 2.64 -6.60 7.84
CA ILE B 157 1.93 -7.80 7.45
C ILE B 157 1.73 -8.66 8.71
N LYS B 158 0.47 -8.92 9.06
CA LYS B 158 0.17 -9.53 10.36
C LYS B 158 -0.16 -11.02 10.20
N THR B 159 0.64 -11.87 10.82
CA THR B 159 0.42 -13.31 10.81
C THR B 159 -0.57 -13.71 11.91
N ASN B 160 -1.23 -14.85 11.72
CA ASN B 160 -2.16 -15.35 12.72
C ASN B 160 -1.81 -16.79 13.11
N LYS B 161 -0.52 -17.05 13.34
CA LYS B 161 -0.05 -18.40 13.65
C LYS B 161 -0.59 -18.92 14.99
N ASN B 162 -1.09 -18.05 15.85
CA ASN B 162 -1.62 -18.42 17.17
C ASN B 162 -3.14 -18.37 17.25
N ASN B 163 -3.82 -17.97 16.18
CA ASN B 163 -5.28 -18.04 16.14
C ASN B 163 -5.76 -18.17 14.71
N PRO B 164 -5.46 -19.28 14.02
CA PRO B 164 -5.94 -19.42 12.63
C PRO B 164 -7.44 -19.35 12.47
N GLY B 165 -8.21 -19.96 13.36
CA GLY B 165 -9.65 -19.99 13.20
C GLY B 165 -10.34 -18.76 13.77
N LYS B 166 -9.72 -17.60 13.63
CA LYS B 166 -10.26 -16.34 14.13
C LYS B 166 -10.40 -15.36 12.96
N THR B 167 -11.31 -15.67 12.03
CA THR B 167 -11.60 -14.76 10.94
C THR B 167 -12.32 -13.53 11.48
N LYS B 168 -11.93 -12.36 11.00
CA LYS B 168 -12.45 -11.10 11.53
C LYS B 168 -13.65 -10.61 10.73
N THR B 169 -14.50 -9.83 11.40
CA THR B 169 -15.55 -9.12 10.70
C THR B 169 -14.96 -8.11 9.72
N LEU B 170 -15.65 -7.92 8.61
CA LEU B 170 -15.11 -7.14 7.51
C LEU B 170 -15.78 -5.77 7.45
N ASP B 171 -15.01 -4.78 7.03
CA ASP B 171 -15.58 -3.51 6.56
C ASP B 171 -16.69 -3.79 5.56
N PRO B 172 -17.77 -3.04 5.60
CA PRO B 172 -18.85 -3.18 4.58
C PRO B 172 -18.24 -3.14 3.19
N LYS B 173 -17.30 -2.22 2.94
CA LYS B 173 -16.76 -2.11 1.58
C LYS B 173 -15.71 -3.16 1.26
N ALA B 174 -15.25 -3.94 2.24
CA ALA B 174 -14.14 -4.84 2.01
C ALA B 174 -14.54 -6.02 1.12
N VAL B 175 -13.70 -6.29 0.13
CA VAL B 175 -13.83 -7.48 -0.68
C VAL B 175 -13.09 -8.65 -0.05
N PHE B 176 -11.89 -8.38 0.45
CA PHE B 176 -11.02 -9.38 1.01
C PHE B 176 -10.87 -9.14 2.50
N GLN B 177 -10.29 -10.13 3.18
CA GLN B 177 -10.01 -10.04 4.59
C GLN B 177 -8.73 -9.23 4.75
N ARG B 178 -8.76 -8.21 5.61
CA ARG B 178 -7.62 -7.30 5.70
C ARG B 178 -6.66 -7.77 6.78
N THR B 179 -5.45 -8.11 6.38
CA THR B 179 -4.46 -8.66 7.29
C THR B 179 -3.18 -7.82 7.34
N LYS B 180 -3.27 -6.51 7.08
CA LYS B 180 -2.07 -5.68 7.05
C LYS B 180 -2.50 -4.25 7.31
N GLU B 181 -1.53 -3.47 7.74
CA GLU B 181 -1.61 -2.03 7.83
C GLU B 181 -0.50 -1.43 6.98
N HIS B 182 -0.71 -0.21 6.47
CA HIS B 182 0.29 0.50 5.68
C HIS B 182 0.81 1.73 6.44
N CYS B 183 2.10 2.00 6.27
CA CYS B 183 2.72 3.20 6.81
C CYS B 183 3.38 3.96 5.66
N LEU B 184 2.81 5.10 5.28
CA LEU B 184 3.28 5.82 4.10
C LEU B 184 4.47 6.71 4.45
N MET B 185 5.50 6.67 3.62
CA MET B 185 6.68 7.50 3.81
C MET B 185 6.65 8.66 2.83
N GLY B 186 6.85 9.86 3.34
CA GLY B 186 6.82 11.06 2.52
C GLY B 186 8.08 11.87 2.69
N ILE B 187 8.56 12.46 1.59
CA ILE B 187 9.67 13.38 1.60
C ILE B 187 9.18 14.73 1.10
N LYS B 188 9.77 15.82 1.63
CA LYS B 188 9.67 17.15 1.07
C LYS B 188 11.06 17.75 0.94
N GLY B 189 11.31 18.38 -0.20
CA GLY B 189 12.62 18.93 -0.46
C GLY B 189 13.51 17.97 -1.24
N THR B 190 14.79 18.33 -1.27
CA THR B 190 15.83 17.52 -1.90
C THR B 190 15.81 16.06 -1.44
N VAL B 204 19.28 -1.01 2.00
CA VAL B 204 19.56 -1.33 3.39
C VAL B 204 18.45 -2.18 4.05
N ASP B 205 17.22 -1.65 4.07
CA ASP B 205 16.06 -2.31 4.68
C ASP B 205 15.03 -2.70 3.62
N ILE B 206 13.94 -3.31 4.08
CA ILE B 206 12.85 -3.80 3.23
C ILE B 206 11.57 -3.07 3.60
N ASP B 207 10.66 -2.94 2.64
CA ASP B 207 9.39 -2.26 2.87
C ASP B 207 8.32 -3.17 3.48
N LEU B 208 8.72 -4.17 4.26
CA LEU B 208 7.79 -5.07 4.95
C LEU B 208 8.15 -5.22 6.41
N ILE B 209 7.13 -5.40 7.24
CA ILE B 209 7.26 -5.76 8.64
C ILE B 209 6.33 -6.93 8.91
N ILE B 210 6.87 -8.09 9.25
CA ILE B 210 6.04 -9.25 9.58
C ILE B 210 6.12 -9.46 11.08
N THR B 211 4.97 -9.38 11.73
CA THR B 211 4.84 -9.79 13.11
C THR B 211 3.48 -10.43 13.25
N GLU B 212 3.19 -10.90 14.47
CA GLU B 212 1.92 -11.53 14.74
C GLU B 212 0.86 -10.49 15.08
N GLU B 213 -0.35 -10.76 14.66
CA GLU B 213 -1.42 -9.82 14.92
C GLU B 213 -1.56 -9.58 16.43
N PRO B 214 -1.52 -8.33 16.89
CA PRO B 214 -1.66 -8.08 18.33
C PRO B 214 -3.02 -8.53 18.84
N GLU B 215 -3.09 -8.78 20.14
CA GLU B 215 -4.34 -9.15 20.78
C GLU B 215 -5.34 -8.03 20.62
N ILE B 216 -6.59 -8.38 20.30
CA ILE B 216 -7.62 -7.38 20.03
C ILE B 216 -7.59 -6.32 21.12
N GLY B 217 -7.74 -5.05 20.72
CA GLY B 217 -7.65 -3.93 21.64
C GLY B 217 -6.25 -3.39 21.87
N ASN B 218 -5.22 -4.17 21.63
CA ASN B 218 -3.88 -3.61 21.61
C ASN B 218 -3.65 -2.90 20.28
N ILE B 219 -3.22 -1.65 20.37
CA ILE B 219 -3.09 -0.82 19.18
C ILE B 219 -1.64 -0.52 18.85
N GLU B 220 -0.68 -1.11 19.56
CA GLU B 220 0.70 -0.71 19.38
C GLU B 220 1.13 -1.02 17.96
N LYS B 221 1.94 -0.15 17.38
CA LYS B 221 2.52 -0.55 16.11
C LYS B 221 3.85 -1.22 16.35
N PRO B 222 4.23 -2.14 15.47
CA PRO B 222 5.53 -2.81 15.61
C PRO B 222 6.65 -1.82 15.80
N VAL B 223 7.48 -2.10 16.80
CA VAL B 223 8.62 -1.27 17.09
C VAL B 223 9.62 -1.28 15.96
N GLU B 224 9.45 -2.15 14.97
CA GLU B 224 10.40 -2.15 13.87
C GLU B 224 10.25 -0.92 13.01
N ILE B 225 9.12 -0.21 13.10
CA ILE B 225 9.01 1.01 12.33
C ILE B 225 10.12 1.97 12.76
N PHE B 226 10.42 2.01 14.06
CA PHE B 226 11.49 2.88 14.54
C PHE B 226 12.86 2.46 14.00
N HIS B 227 13.09 1.17 13.81
CA HIS B 227 14.39 0.77 13.29
C HIS B 227 14.54 1.19 11.85
N ILE B 228 13.53 0.92 11.04
CA ILE B 228 13.54 1.38 9.65
C ILE B 228 13.80 2.88 9.60
N ILE B 229 13.03 3.65 10.37
CA ILE B 229 13.22 5.09 10.35
C ILE B 229 14.66 5.45 10.74
N GLU B 230 15.11 4.95 11.90
CA GLU B 230 16.41 5.36 12.41
C GLU B 230 17.55 4.93 11.49
N HIS B 231 17.37 3.85 10.73
CA HIS B 231 18.43 3.43 9.84
C HIS B 231 18.55 4.32 8.62
N PHE B 232 17.58 5.20 8.35
CA PHE B 232 17.69 6.11 7.21
C PHE B 232 18.64 7.29 7.47
N CYS B 233 18.89 7.65 8.73
CA CYS B 233 19.82 8.74 9.08
C CYS B 233 19.34 10.09 8.53
N LEU B 234 18.15 10.50 8.98
CA LEU B 234 17.43 11.62 8.37
C LEU B 234 17.49 12.90 9.18
N GLY B 235 18.20 12.92 10.31
CA GLY B 235 18.19 14.10 11.15
C GLY B 235 17.91 13.70 12.58
N ARG B 236 18.27 14.52 13.54
CA ARG B 236 18.11 14.10 14.91
C ARG B 236 16.87 14.68 15.56
N ARG B 237 16.17 15.58 14.90
CA ARG B 237 14.94 16.14 15.48
C ARG B 237 13.80 15.27 14.97
N ARG B 238 13.32 14.38 15.84
CA ARG B 238 12.40 13.33 15.47
C ARG B 238 11.16 13.44 16.35
N LEU B 239 9.99 13.46 15.72
CA LEU B 239 8.75 13.71 16.44
C LEU B 239 7.78 12.57 16.18
N HIS B 240 7.25 12.03 17.27
CA HIS B 240 6.20 11.02 17.24
C HIS B 240 4.94 11.66 17.81
N LEU B 241 3.95 11.92 16.96
CA LEU B 241 2.68 12.45 17.40
C LEU B 241 1.73 11.30 17.66
N PHE B 242 1.02 11.38 18.80
CA PHE B 242 0.09 10.38 19.28
C PHE B 242 0.82 9.14 19.82
N GLY B 243 2.09 9.27 20.14
CA GLY B 243 2.77 8.26 20.92
C GLY B 243 2.19 8.12 22.31
N ARG B 244 2.68 7.12 23.03
CA ARG B 244 2.24 6.82 24.37
C ARG B 244 3.47 6.63 25.26
N ASP B 245 3.22 6.60 26.57
CA ASP B 245 4.18 6.10 27.54
C ASP B 245 4.92 4.88 27.03
N SER B 246 4.19 3.93 26.41
CA SER B 246 4.84 2.71 25.96
C SER B 246 5.71 2.91 24.73
N THR B 247 5.68 4.07 24.09
CA THR B 247 6.45 4.25 22.87
C THR B 247 7.62 5.17 23.06
N ILE B 248 7.78 5.73 24.27
CA ILE B 248 8.84 6.69 24.49
C ILE B 248 10.20 6.02 24.28
N ARG B 249 11.13 6.78 23.80
CA ARG B 249 12.24 6.11 23.18
C ARG B 249 13.37 7.13 23.05
N PRO B 250 14.62 6.71 23.24
CA PRO B 250 15.72 7.67 23.09
C PRO B 250 15.73 8.22 21.68
N GLY B 251 16.22 9.44 21.54
CA GLY B 251 16.27 10.05 20.24
C GLY B 251 14.96 10.58 19.69
N TRP B 252 13.93 10.67 20.52
CA TRP B 252 12.60 11.00 20.01
C TRP B 252 11.92 11.92 20.99
N LEU B 253 11.17 12.86 20.41
CA LEU B 253 10.23 13.65 21.16
C LEU B 253 8.84 13.08 20.91
N THR B 254 8.14 12.72 21.99
CA THR B 254 6.85 12.06 21.90
C THR B 254 5.80 13.01 22.45
N VAL B 255 4.78 13.33 21.64
CA VAL B 255 3.63 14.15 22.04
C VAL B 255 2.34 13.38 21.85
N GLY B 256 1.45 13.44 22.83
CA GLY B 256 0.29 12.56 22.83
C GLY B 256 -0.58 12.81 24.03
N PRO B 257 -1.90 12.68 23.85
CA PRO B 257 -2.82 12.99 24.95
C PRO B 257 -2.77 12.02 26.09
N THR B 258 -2.24 10.83 25.91
CA THR B 258 -2.35 9.81 26.94
C THR B 258 -1.07 9.64 27.74
N LEU B 259 -0.04 10.44 27.47
CA LEU B 259 1.15 10.41 28.30
C LEU B 259 0.79 10.78 29.73
N THR B 260 1.49 10.18 30.67
CA THR B 260 1.23 10.43 32.08
C THR B 260 2.18 11.42 32.68
N ASN B 261 3.34 11.65 32.07
CA ASN B 261 4.30 12.62 32.55
C ASN B 261 4.87 13.39 31.38
N SER B 262 5.34 14.60 31.66
CA SER B 262 6.01 15.38 30.64
C SER B 262 7.36 15.79 31.20
N ASN B 263 8.35 15.87 30.31
CA ASN B 263 9.60 16.57 30.60
C ASN B 263 9.94 17.57 29.50
N TYR B 264 9.02 17.82 28.55
CA TYR B 264 9.28 18.79 27.47
C TYR B 264 9.76 20.13 27.98
N ASN B 265 10.88 20.58 27.43
CA ASN B 265 11.28 21.99 27.52
C ASN B 265 11.86 22.41 26.18
N ALA B 266 11.17 23.35 25.50
CA ALA B 266 11.58 23.80 24.17
C ALA B 266 13.03 24.25 24.13
N GLU B 267 13.48 24.95 25.18
CA GLU B 267 14.86 25.39 25.18
C GLU B 267 15.79 24.20 25.45
N THR B 268 15.43 23.34 26.40
CA THR B 268 16.29 22.19 26.63
C THR B 268 16.37 21.32 25.39
N TYR B 269 15.23 21.11 24.73
CA TYR B 269 15.24 20.33 23.50
C TYR B 269 16.10 20.98 22.44
N ALA B 270 15.95 22.30 22.26
CA ALA B 270 16.68 22.99 21.21
C ALA B 270 18.19 22.87 21.42
N SER B 271 18.64 22.86 22.68
CA SER B 271 20.08 22.82 22.96
C SER B 271 20.74 21.57 22.41
N TYR B 272 20.00 20.47 22.27
CA TYR B 272 20.62 19.25 21.74
C TYR B 272 21.11 19.45 20.32
N PHE B 273 20.59 20.45 19.60
CA PHE B 273 20.89 20.63 18.18
C PHE B 273 21.54 21.96 17.88
N SER B 274 21.84 22.77 18.89
CA SER B 274 22.67 23.94 18.65
C SER B 274 24.06 23.51 18.19
N ALA B 275 24.73 24.40 17.46
CA ALA B 275 26.02 24.06 16.87
C ALA B 275 26.99 23.63 17.97
N PRO B 276 27.93 22.71 17.70
CA PRO B 276 28.21 22.05 16.43
C PRO B 276 27.44 20.73 16.28
N ASN B 277 26.17 20.70 16.70
CA ASN B 277 25.36 19.48 16.63
C ASN B 277 24.17 19.61 15.68
N SER B 278 24.10 20.72 14.92
CA SER B 278 22.88 21.09 14.19
C SER B 278 22.56 20.18 13.01
N TYR B 279 23.56 19.74 12.25
CA TYR B 279 23.31 19.05 11.00
C TYR B 279 23.83 17.61 11.03
N LEU B 280 23.79 16.97 12.20
CA LEU B 280 24.16 15.57 12.30
C LEU B 280 23.04 14.68 11.77
N THR B 281 23.42 13.52 11.20
CA THR B 281 22.44 12.62 10.60
C THR B 281 21.77 11.72 11.62
N GLY B 282 22.36 11.52 12.80
CA GLY B 282 21.94 10.48 13.71
C GLY B 282 22.80 9.22 13.64
N CYS B 283 23.66 9.09 12.63
CA CYS B 283 24.46 7.88 12.42
C CYS B 283 25.97 8.16 12.39
N THR B 284 26.43 9.26 12.97
CA THR B 284 27.82 9.69 12.84
C THR B 284 28.46 9.74 14.22
N GLU B 285 29.80 9.89 14.24
CA GLU B 285 30.50 10.17 15.48
C GLU B 285 30.03 11.51 16.05
N GLU B 286 29.82 11.54 17.36
CA GLU B 286 29.44 12.79 18.02
C GLU B 286 30.61 13.78 18.00
N ILE B 287 30.28 15.07 18.02
CA ILE B 287 31.29 16.13 17.95
C ILE B 287 31.95 16.29 19.30
N GLU B 288 33.28 16.24 19.33
CA GLU B 288 34.05 16.33 20.58
C GLU B 288 33.77 17.61 21.38
#